data_1DVR
#
_entry.id   1DVR
#
_cell.length_a   47.800
_cell.length_b   73.400
_cell.length_c   118.800
_cell.angle_alpha   90.00
_cell.angle_beta   90.00
_cell.angle_gamma   90.00
#
_symmetry.space_group_name_H-M   'P 21 21 21'
#
loop_
_entity.id
_entity.type
_entity.pdbx_description
1 polymer 'ADENYLATE KINASE'
2 non-polymer 'PHOSPHODIFLUOROMETHYLPHOSPHONIC ACID-ADENYLATE ESTER'
3 water water
#
_entity_poly.entity_id   1
_entity_poly.type   'polypeptide(L)'
_entity_poly.pdbx_seq_one_letter_code
;SSESIRMVLIGPPGAGKGTQAPNLQERFHAAHLATGDMLRSQIAKGTQLGLEAKKIMDQGGLVSDDIMVNMIKDELTNNP
ACKNGFILVGFPRTIPQAEKLDQMLKEQGTPLEKAIELKVDDELLVARITGRLIHPASGRSYHKIFNPPKEDMKDDVTGE
ALVQISDDNADALKKRLAAYHAQTEPIVDFYKKTGIWAGVDASQPPATVWADILNKLGKN
;
_entity_poly.pdbx_strand_id   A,B
#
# COMPACT_ATOMS: atom_id res chain seq x y z
N SER A 1 15.41 -31.86 -1.83
CA SER A 1 16.58 -31.40 -2.64
C SER A 1 16.28 -31.73 -4.10
N SER A 2 17.18 -31.29 -4.99
CA SER A 2 17.06 -31.49 -6.43
C SER A 2 15.91 -30.69 -7.02
N GLU A 3 14.68 -30.96 -6.60
CA GLU A 3 13.55 -30.19 -7.11
C GLU A 3 12.80 -29.47 -5.97
N SER A 4 13.55 -28.78 -5.11
CA SER A 4 13.01 -28.03 -3.98
C SER A 4 13.91 -26.78 -3.88
N ILE A 5 13.34 -25.59 -3.66
CA ILE A 5 14.17 -24.39 -3.55
C ILE A 5 13.62 -23.31 -2.61
N ARG A 6 14.52 -22.65 -1.88
CA ARG A 6 14.17 -21.55 -0.99
C ARG A 6 15.20 -20.52 -1.39
N MET A 7 14.74 -19.45 -2.00
CA MET A 7 15.59 -18.40 -2.51
C MET A 7 14.91 -17.02 -2.58
N VAL A 8 15.75 -16.03 -2.88
CA VAL A 8 15.35 -14.65 -3.02
C VAL A 8 15.70 -14.30 -4.48
N LEU A 9 14.90 -13.48 -5.15
CA LEU A 9 15.18 -13.06 -6.54
C LEU A 9 15.30 -11.53 -6.48
N ILE A 10 16.51 -11.00 -6.48
CA ILE A 10 16.70 -9.57 -6.42
C ILE A 10 17.22 -9.00 -7.73
N GLY A 11 16.83 -7.78 -8.05
CA GLY A 11 17.26 -7.17 -9.28
C GLY A 11 16.39 -5.96 -9.54
N PRO A 12 16.94 -4.95 -10.24
CA PRO A 12 16.30 -3.68 -10.61
C PRO A 12 15.02 -3.80 -11.42
N PRO A 13 14.12 -2.81 -11.33
CA PRO A 13 12.91 -2.92 -12.13
C PRO A 13 13.38 -2.91 -13.57
N GLY A 14 12.66 -3.60 -14.43
CA GLY A 14 13.04 -3.71 -15.81
C GLY A 14 14.10 -4.79 -16.00
N ALA A 15 14.53 -5.46 -14.93
CA ALA A 15 15.56 -6.49 -15.01
C ALA A 15 15.05 -7.84 -15.51
N GLY A 16 13.82 -8.18 -15.18
CA GLY A 16 13.30 -9.44 -15.64
C GLY A 16 12.83 -10.43 -14.60
N LYS A 17 12.66 -9.96 -13.37
CA LYS A 17 12.21 -10.85 -12.30
C LYS A 17 10.86 -11.51 -12.61
N GLY A 18 9.91 -10.73 -13.10
CA GLY A 18 8.61 -11.30 -13.44
C GLY A 18 8.60 -12.31 -14.58
N THR A 19 9.47 -12.10 -15.57
CA THR A 19 9.60 -12.96 -16.75
C THR A 19 10.23 -14.32 -16.46
N GLN A 20 11.15 -14.37 -15.51
CA GLN A 20 11.84 -15.60 -15.10
C GLN A 20 11.13 -16.36 -13.95
N ALA A 21 10.41 -15.64 -13.10
CA ALA A 21 9.71 -16.23 -11.95
C ALA A 21 8.87 -17.46 -12.26
N PRO A 22 8.17 -17.48 -13.40
CA PRO A 22 7.39 -18.69 -13.67
C PRO A 22 8.24 -19.94 -14.04
N ASN A 23 9.45 -19.76 -14.53
CA ASN A 23 10.30 -20.90 -14.90
C ASN A 23 10.63 -21.59 -13.62
N LEU A 24 11.12 -20.77 -12.69
CA LEU A 24 11.52 -21.21 -11.36
C LEU A 24 10.37 -21.96 -10.72
N GLN A 25 9.15 -21.54 -11.04
CA GLN A 25 7.96 -22.18 -10.51
C GLN A 25 7.76 -23.54 -11.14
N GLU A 26 8.00 -23.65 -12.44
CA GLU A 26 7.88 -24.90 -13.17
C GLU A 26 8.91 -25.88 -12.68
N ARG A 27 10.14 -25.44 -12.75
CA ARG A 27 11.25 -26.24 -12.34
C ARG A 27 11.13 -26.75 -10.91
N PHE A 28 10.76 -25.89 -9.97
CA PHE A 28 10.72 -26.25 -8.55
C PHE A 28 9.36 -26.49 -7.92
N HIS A 29 8.30 -26.08 -8.62
CA HIS A 29 6.93 -26.26 -8.13
C HIS A 29 6.69 -25.55 -6.80
N ALA A 30 7.49 -24.50 -6.57
CA ALA A 30 7.43 -23.70 -5.34
C ALA A 30 6.55 -22.46 -5.49
N ALA A 31 6.39 -21.72 -4.41
CA ALA A 31 5.56 -20.53 -4.44
C ALA A 31 6.30 -19.27 -4.76
N HIS A 32 5.60 -18.37 -5.42
CA HIS A 32 6.14 -17.09 -5.79
C HIS A 32 5.64 -16.12 -4.70
N LEU A 33 6.55 -15.59 -3.90
CA LEU A 33 6.17 -14.65 -2.87
C LEU A 33 6.57 -13.24 -3.25
N ALA A 34 5.59 -12.39 -3.49
CA ALA A 34 5.86 -11.01 -3.83
C ALA A 34 5.26 -10.29 -2.63
N THR A 35 6.10 -9.65 -1.82
CA THR A 35 5.59 -9.00 -0.61
C THR A 35 4.43 -8.03 -0.88
N GLY A 36 4.52 -7.24 -1.95
CA GLY A 36 3.46 -6.30 -2.26
C GLY A 36 2.11 -6.97 -2.27
N ASP A 37 2.02 -8.06 -3.01
CA ASP A 37 0.78 -8.82 -3.13
C ASP A 37 0.40 -9.55 -1.84
N MET A 38 1.41 -9.96 -1.08
CA MET A 38 1.19 -10.65 0.17
C MET A 38 0.40 -9.71 1.11
N LEU A 39 0.99 -8.54 1.34
CA LEU A 39 0.45 -7.47 2.17
C LEU A 39 -1.00 -7.17 1.80
N ARG A 40 -1.22 -6.75 0.57
CA ARG A 40 -2.57 -6.43 0.11
C ARG A 40 -3.56 -7.57 0.33
N SER A 41 -3.09 -8.81 0.30
CA SER A 41 -3.98 -9.95 0.48
C SER A 41 -4.31 -10.11 1.97
N GLN A 42 -3.33 -9.88 2.82
CA GLN A 42 -3.52 -9.97 4.24
C GLN A 42 -4.58 -8.92 4.62
N ILE A 43 -4.34 -7.69 4.19
CA ILE A 43 -5.23 -6.56 4.44
C ILE A 43 -6.68 -6.89 4.07
N ALA A 44 -6.88 -7.39 2.86
CA ALA A 44 -8.21 -7.73 2.37
C ALA A 44 -8.90 -8.90 3.06
N LYS A 45 -8.13 -9.77 3.69
CA LYS A 45 -8.69 -10.93 4.38
C LYS A 45 -9.19 -10.68 5.81
N GLY A 46 -8.90 -9.49 6.33
CA GLY A 46 -9.33 -9.09 7.66
C GLY A 46 -8.54 -9.68 8.81
N THR A 47 -7.24 -9.86 8.62
CA THR A 47 -6.39 -10.42 9.67
C THR A 47 -5.91 -9.28 10.57
N GLN A 48 -5.42 -9.61 11.76
CA GLN A 48 -4.90 -8.58 12.65
C GLN A 48 -3.72 -7.90 11.96
N LEU A 49 -2.93 -8.69 11.21
CA LEU A 49 -1.78 -8.15 10.47
C LEU A 49 -2.26 -7.29 9.31
N GLY A 50 -3.32 -7.73 8.66
CA GLY A 50 -3.86 -6.95 7.56
C GLY A 50 -4.31 -5.63 8.13
N LEU A 51 -5.04 -5.73 9.23
CA LEU A 51 -5.56 -4.59 9.95
C LEU A 51 -4.43 -3.59 10.33
N GLU A 52 -3.34 -4.07 10.94
CA GLU A 52 -2.23 -3.17 11.30
C GLU A 52 -1.49 -2.53 10.14
N ALA A 53 -1.25 -3.31 9.09
CA ALA A 53 -0.56 -2.81 7.90
C ALA A 53 -1.40 -1.72 7.24
N LYS A 54 -2.71 -1.98 7.10
CA LYS A 54 -3.64 -1.02 6.51
C LYS A 54 -3.92 0.17 7.39
N LYS A 55 -3.39 0.17 8.60
CA LYS A 55 -3.58 1.29 9.49
C LYS A 55 -2.34 2.16 9.35
N ILE A 56 -1.17 1.53 9.37
CA ILE A 56 0.09 2.23 9.24
C ILE A 56 0.19 3.02 7.93
N MET A 57 0.28 2.29 6.83
CA MET A 57 0.40 2.91 5.51
C MET A 57 -0.79 3.75 5.03
N ASP A 58 -2.02 3.30 5.28
CA ASP A 58 -3.27 4.00 4.91
C ASP A 58 -3.37 5.38 5.60
N GLN A 59 -2.35 5.69 6.38
CA GLN A 59 -2.22 6.96 7.06
C GLN A 59 -0.88 7.49 6.53
N GLY A 60 -0.66 7.28 5.22
CA GLY A 60 0.55 7.72 4.54
C GLY A 60 1.82 7.27 5.24
N GLY A 61 1.81 6.04 5.75
CA GLY A 61 2.96 5.55 6.46
C GLY A 61 3.67 4.39 5.83
N LEU A 62 4.73 3.98 6.52
CA LEU A 62 5.60 2.87 6.11
C LEU A 62 5.38 1.65 7.03
N VAL A 63 4.95 0.54 6.42
CA VAL A 63 4.67 -0.72 7.13
C VAL A 63 5.92 -1.39 7.74
N SER A 64 6.04 -1.29 9.07
CA SER A 64 7.14 -1.85 9.88
C SER A 64 8.40 -2.44 9.25
N ASP A 65 8.56 -3.75 9.44
CA ASP A 65 9.68 -4.55 8.97
C ASP A 65 9.27 -5.91 9.53
N ASP A 66 8.85 -5.86 10.78
CA ASP A 66 8.41 -7.01 11.51
C ASP A 66 7.07 -7.49 10.98
N ILE A 67 6.18 -6.55 10.65
CA ILE A 67 4.88 -6.92 10.10
C ILE A 67 5.10 -7.72 8.82
N MET A 68 6.17 -7.38 8.10
CA MET A 68 6.55 -8.02 6.84
C MET A 68 6.99 -9.45 7.08
N VAL A 69 8.09 -9.60 7.79
CA VAL A 69 8.63 -10.92 8.08
C VAL A 69 7.58 -11.84 8.67
N ASN A 70 6.81 -11.34 9.65
CA ASN A 70 5.74 -12.11 10.30
C ASN A 70 4.65 -12.48 9.31
N MET A 71 4.48 -11.66 8.29
CA MET A 71 3.49 -11.92 7.26
C MET A 71 4.03 -13.00 6.31
N ILE A 72 5.36 -13.01 6.12
CA ILE A 72 6.04 -14.00 5.27
C ILE A 72 6.00 -15.33 6.02
N LYS A 73 6.29 -15.26 7.31
CA LYS A 73 6.27 -16.41 8.20
C LYS A 73 4.86 -17.03 8.15
N ASP A 74 3.82 -16.21 8.00
CA ASP A 74 2.46 -16.75 7.90
C ASP A 74 2.33 -17.52 6.59
N GLU A 75 2.90 -16.98 5.52
CA GLU A 75 2.87 -17.63 4.22
C GLU A 75 3.49 -19.01 4.35
N LEU A 76 4.74 -19.03 4.81
CA LEU A 76 5.48 -20.27 5.00
C LEU A 76 4.74 -21.29 5.85
N THR A 77 4.46 -20.92 7.10
CA THR A 77 3.77 -21.83 8.02
C THR A 77 2.47 -22.39 7.49
N ASN A 78 1.61 -21.49 7.00
CA ASN A 78 0.27 -21.86 6.57
C ASN A 78 -0.09 -21.92 5.10
N ASN A 79 0.81 -21.59 4.19
CA ASN A 79 0.45 -21.67 2.79
C ASN A 79 1.04 -22.95 2.20
N PRO A 80 0.19 -23.78 1.56
CA PRO A 80 0.57 -25.04 0.92
C PRO A 80 1.58 -24.85 -0.19
N ALA A 81 1.39 -23.78 -0.96
CA ALA A 81 2.28 -23.51 -2.06
C ALA A 81 3.70 -23.37 -1.55
N CYS A 82 3.83 -22.96 -0.29
CA CYS A 82 5.14 -22.76 0.35
C CYS A 82 5.75 -23.96 1.05
N LYS A 83 5.28 -25.16 0.70
CA LYS A 83 5.82 -26.39 1.30
C LYS A 83 6.87 -27.09 0.41
N ASN A 84 7.06 -26.55 -0.80
CA ASN A 84 8.04 -27.06 -1.78
C ASN A 84 9.29 -26.19 -1.55
N GLY A 85 9.03 -24.90 -1.43
CA GLY A 85 10.04 -23.89 -1.22
C GLY A 85 9.35 -22.58 -1.57
N PHE A 86 10.12 -21.50 -1.74
CA PHE A 86 9.51 -20.24 -2.09
C PHE A 86 10.47 -19.40 -2.89
N ILE A 87 9.93 -18.59 -3.79
CA ILE A 87 10.78 -17.74 -4.61
C ILE A 87 10.36 -16.38 -4.11
N LEU A 88 11.16 -15.86 -3.21
CA LEU A 88 10.88 -14.58 -2.61
C LEU A 88 11.34 -13.49 -3.57
N VAL A 89 10.44 -12.59 -3.94
CA VAL A 89 10.78 -11.55 -4.87
C VAL A 89 10.46 -10.18 -4.33
N GLY A 90 11.45 -9.29 -4.33
CA GLY A 90 11.23 -7.94 -3.84
C GLY A 90 11.23 -7.75 -2.34
N PHE A 91 12.10 -8.52 -1.69
CA PHE A 91 12.32 -8.49 -0.26
C PHE A 91 13.50 -9.43 -0.13
N PRO A 92 14.47 -9.08 0.73
CA PRO A 92 14.44 -7.86 1.54
C PRO A 92 14.83 -6.65 0.68
N ARG A 93 14.77 -5.47 1.26
CA ARG A 93 15.13 -4.25 0.55
C ARG A 93 16.08 -3.39 1.40
N THR A 94 16.13 -3.65 2.71
CA THR A 94 17.03 -2.96 3.63
C THR A 94 17.82 -4.07 4.35
N ILE A 95 18.83 -3.69 5.13
CA ILE A 95 19.63 -4.68 5.84
C ILE A 95 18.94 -5.24 7.07
N PRO A 96 18.20 -4.38 7.79
CA PRO A 96 17.52 -4.87 8.97
C PRO A 96 16.55 -5.93 8.51
N GLN A 97 15.83 -5.65 7.43
CA GLN A 97 14.90 -6.62 6.87
C GLN A 97 15.61 -7.93 6.52
N ALA A 98 16.84 -7.84 6.03
CA ALA A 98 17.60 -9.04 5.67
C ALA A 98 17.99 -9.81 6.91
N GLU A 99 18.42 -9.09 7.94
CA GLU A 99 18.81 -9.70 9.20
C GLU A 99 17.61 -10.36 9.86
N LYS A 100 16.46 -9.69 9.80
CA LYS A 100 15.21 -10.20 10.40
C LYS A 100 14.64 -11.38 9.66
N LEU A 101 14.69 -11.32 8.32
CA LEU A 101 14.24 -12.42 7.46
C LEU A 101 15.11 -13.68 7.75
N ASP A 102 16.42 -13.47 7.86
CA ASP A 102 17.37 -14.54 8.16
C ASP A 102 17.09 -15.16 9.52
N GLN A 103 16.92 -14.31 10.53
CA GLN A 103 16.67 -14.74 11.89
C GLN A 103 15.41 -15.58 11.98
N MET A 104 14.34 -15.17 11.32
CA MET A 104 13.13 -15.99 11.38
C MET A 104 13.30 -17.33 10.65
N LEU A 105 13.91 -17.31 9.46
CA LEU A 105 14.10 -18.55 8.71
C LEU A 105 14.98 -19.49 9.50
N LYS A 106 15.89 -18.92 10.28
CA LYS A 106 16.79 -19.67 11.15
C LYS A 106 16.00 -20.41 12.22
N GLU A 107 15.06 -19.70 12.84
CA GLU A 107 14.18 -20.23 13.90
C GLU A 107 13.22 -21.26 13.35
N GLN A 108 12.75 -20.96 12.13
CA GLN A 108 11.81 -21.78 11.38
C GLN A 108 12.43 -23.15 11.01
N GLY A 109 13.70 -23.12 10.64
CA GLY A 109 14.42 -24.31 10.23
C GLY A 109 14.63 -24.38 8.71
N THR A 110 14.14 -23.35 8.00
CA THR A 110 14.27 -23.32 6.54
C THR A 110 14.93 -22.05 6.01
N PRO A 111 16.25 -21.99 6.09
CA PRO A 111 16.98 -20.83 5.60
C PRO A 111 17.18 -20.80 4.06
N LEU A 112 17.37 -19.61 3.50
CA LEU A 112 17.55 -19.43 2.08
C LEU A 112 18.71 -20.22 1.55
N GLU A 113 18.51 -20.88 0.43
CA GLU A 113 19.57 -21.65 -0.19
C GLU A 113 20.35 -20.77 -1.15
N LYS A 114 19.71 -19.74 -1.71
CA LYS A 114 20.36 -18.89 -2.70
C LYS A 114 19.74 -17.49 -2.79
N ALA A 115 20.53 -16.52 -3.19
CA ALA A 115 20.01 -15.18 -3.42
C ALA A 115 20.50 -14.87 -4.85
N ILE A 116 19.58 -14.75 -5.80
CA ILE A 116 19.98 -14.51 -7.18
C ILE A 116 19.80 -13.08 -7.55
N GLU A 117 20.90 -12.44 -7.95
CA GLU A 117 20.83 -11.06 -8.37
C GLU A 117 20.85 -10.93 -9.88
N LEU A 118 19.85 -10.25 -10.43
CA LEU A 118 19.78 -10.01 -11.87
C LEU A 118 20.47 -8.68 -12.19
N LYS A 119 21.59 -8.73 -12.88
CA LYS A 119 22.33 -7.54 -13.27
C LYS A 119 22.16 -7.16 -14.75
N VAL A 120 22.04 -5.87 -15.00
CA VAL A 120 21.87 -5.27 -16.33
C VAL A 120 22.23 -3.79 -16.16
N ASP A 121 22.72 -3.16 -17.22
CA ASP A 121 23.11 -1.75 -17.16
C ASP A 121 21.95 -0.77 -17.12
N ASP A 122 22.17 0.34 -16.43
CA ASP A 122 21.15 1.37 -16.29
C ASP A 122 20.60 1.86 -17.58
N GLU A 123 21.45 1.94 -18.60
CA GLU A 123 21.03 2.41 -19.92
C GLU A 123 20.02 1.46 -20.53
N LEU A 124 20.25 0.16 -20.37
CA LEU A 124 19.35 -0.85 -20.87
C LEU A 124 18.05 -0.79 -20.05
N LEU A 125 18.20 -0.84 -18.73
CA LEU A 125 17.07 -0.80 -17.80
C LEU A 125 16.03 0.25 -18.08
N VAL A 126 16.46 1.47 -18.31
CA VAL A 126 15.48 2.49 -18.56
C VAL A 126 14.67 2.11 -19.80
N ALA A 127 15.35 1.48 -20.77
CA ALA A 127 14.75 1.00 -22.03
C ALA A 127 13.76 -0.16 -21.79
N ARG A 128 14.10 -1.02 -20.82
CA ARG A 128 13.27 -2.16 -20.44
C ARG A 128 11.99 -1.68 -19.82
N ILE A 129 12.07 -0.63 -19.01
CA ILE A 129 10.91 -0.08 -18.35
C ILE A 129 9.99 0.65 -19.33
N THR A 130 10.60 1.47 -20.18
CA THR A 130 9.89 2.25 -21.20
C THR A 130 8.99 1.45 -22.18
N GLY A 131 9.54 0.43 -22.82
CA GLY A 131 8.73 -0.35 -23.75
C GLY A 131 7.89 -1.45 -23.13
N ARG A 132 7.74 -1.50 -21.80
CA ARG A 132 6.95 -2.55 -21.19
C ARG A 132 5.42 -2.46 -21.36
N LEU A 133 4.84 -3.58 -21.81
CA LEU A 133 3.39 -3.72 -22.03
C LEU A 133 2.98 -4.71 -20.98
N ILE A 134 1.74 -4.62 -20.50
CA ILE A 134 1.29 -5.53 -19.46
C ILE A 134 -0.16 -5.94 -19.58
N HIS A 135 -0.43 -7.21 -19.34
CA HIS A 135 -1.77 -7.76 -19.33
C HIS A 135 -2.21 -7.70 -17.85
N PRO A 136 -3.05 -6.70 -17.48
CA PRO A 136 -3.57 -6.47 -16.12
C PRO A 136 -4.11 -7.68 -15.35
N ALA A 137 -5.09 -8.35 -15.91
CA ALA A 137 -5.68 -9.48 -15.25
C ALA A 137 -4.68 -10.51 -14.77
N SER A 138 -3.76 -10.93 -15.66
CA SER A 138 -2.75 -11.96 -15.34
C SER A 138 -1.38 -11.48 -14.90
N GLY A 139 -1.10 -10.20 -15.10
CA GLY A 139 0.18 -9.64 -14.74
C GLY A 139 1.31 -9.97 -15.71
N ARG A 140 1.01 -10.66 -16.83
CA ARG A 140 2.04 -11.03 -17.81
C ARG A 140 2.64 -9.82 -18.50
N SER A 141 3.97 -9.76 -18.63
CA SER A 141 4.61 -8.62 -19.28
C SER A 141 5.23 -8.92 -20.66
N TYR A 142 5.38 -7.87 -21.47
CA TYR A 142 5.94 -7.97 -22.82
C TYR A 142 6.77 -6.73 -23.02
N HIS A 143 7.63 -6.74 -24.03
CA HIS A 143 8.38 -5.55 -24.36
C HIS A 143 8.18 -5.31 -25.87
N LYS A 144 7.57 -4.17 -26.23
CA LYS A 144 7.26 -3.92 -27.62
C LYS A 144 8.42 -4.00 -28.57
N ILE A 145 9.61 -4.09 -28.03
CA ILE A 145 10.77 -4.18 -28.87
C ILE A 145 11.59 -5.45 -28.71
N PHE A 146 11.91 -5.82 -27.47
CA PHE A 146 12.76 -7.00 -27.22
C PHE A 146 11.98 -8.28 -27.05
N ASN A 147 10.71 -8.18 -26.71
CA ASN A 147 9.92 -9.39 -26.51
C ASN A 147 8.48 -9.01 -26.73
N PRO A 148 8.12 -8.72 -27.99
CA PRO A 148 6.76 -8.31 -28.37
C PRO A 148 5.68 -9.37 -28.28
N PRO A 149 4.42 -8.92 -28.29
CA PRO A 149 3.34 -9.91 -28.24
C PRO A 149 3.09 -10.38 -29.70
N LYS A 150 2.37 -11.48 -29.90
CA LYS A 150 2.08 -11.95 -31.27
C LYS A 150 1.13 -11.01 -32.07
N GLU A 151 0.09 -10.54 -31.39
CA GLU A 151 -0.92 -9.65 -31.96
C GLU A 151 -0.71 -8.32 -31.25
N ASP A 152 -0.70 -7.27 -32.04
CA ASP A 152 -0.48 -5.91 -31.56
C ASP A 152 -1.30 -5.60 -30.33
N MET A 153 -0.59 -5.18 -29.28
CA MET A 153 -1.21 -4.82 -28.01
C MET A 153 -2.21 -5.86 -27.49
N LYS A 154 -1.97 -7.14 -27.79
CA LYS A 154 -2.86 -8.20 -27.35
C LYS A 154 -2.13 -9.29 -26.63
N ASP A 155 -2.72 -9.72 -25.52
CA ASP A 155 -2.14 -10.78 -24.73
C ASP A 155 -2.22 -12.09 -25.53
N ASP A 156 -1.08 -12.74 -25.67
CA ASP A 156 -0.96 -13.99 -26.43
C ASP A 156 -2.03 -15.04 -26.16
N VAL A 157 -2.27 -15.28 -24.87
CA VAL A 157 -3.20 -16.30 -24.46
C VAL A 157 -4.66 -15.91 -24.31
N THR A 158 -4.93 -14.63 -24.06
CA THR A 158 -6.31 -14.19 -23.88
C THR A 158 -6.83 -13.32 -25.02
N GLY A 159 -5.92 -12.61 -25.67
CA GLY A 159 -6.31 -11.73 -26.74
C GLY A 159 -6.73 -10.40 -26.14
N GLU A 160 -6.87 -10.36 -24.82
CA GLU A 160 -7.24 -9.15 -24.09
C GLU A 160 -6.11 -8.12 -24.23
N ALA A 161 -6.48 -6.84 -24.27
CA ALA A 161 -5.54 -5.74 -24.45
C ALA A 161 -4.51 -5.59 -23.36
N LEU A 162 -3.32 -5.16 -23.80
CA LEU A 162 -2.18 -4.93 -22.95
C LEU A 162 -2.19 -3.45 -22.54
N VAL A 163 -1.34 -3.10 -21.58
CA VAL A 163 -1.33 -1.73 -21.09
C VAL A 163 0.10 -1.28 -20.95
N GLN A 164 0.30 0.02 -20.97
CA GLN A 164 1.62 0.60 -20.78
C GLN A 164 1.55 1.27 -19.41
N ILE A 165 1.94 0.53 -18.37
CA ILE A 165 1.93 1.01 -16.98
C ILE A 165 3.27 0.74 -16.32
N SER A 166 4.25 1.57 -16.64
CA SER A 166 5.59 1.44 -16.08
C SER A 166 6.16 2.83 -15.79
N ASP A 167 5.28 3.82 -15.69
CA ASP A 167 5.69 5.21 -15.44
C ASP A 167 6.70 5.60 -16.52
N ASP A 168 6.22 5.74 -17.75
CA ASP A 168 7.07 6.08 -18.88
C ASP A 168 7.50 7.56 -18.78
N ASN A 169 8.64 7.81 -18.15
CA ASN A 169 9.17 9.16 -17.97
C ASN A 169 10.71 9.21 -17.89
N ALA A 170 11.30 10.05 -18.74
CA ALA A 170 12.75 10.23 -18.88
C ALA A 170 13.65 10.16 -17.64
N ASP A 171 13.68 11.28 -16.91
CA ASP A 171 14.50 11.43 -15.70
C ASP A 171 14.13 10.43 -14.62
N ALA A 172 12.90 10.58 -14.13
CA ALA A 172 12.37 9.75 -13.07
C ALA A 172 12.92 8.33 -13.06
N LEU A 173 13.03 7.71 -14.23
CA LEU A 173 13.56 6.36 -14.30
C LEU A 173 14.99 6.26 -13.81
N LYS A 174 15.90 7.03 -14.44
CA LYS A 174 17.32 7.03 -14.05
C LYS A 174 17.53 7.41 -12.59
N LYS A 175 16.66 8.27 -12.09
CA LYS A 175 16.71 8.72 -10.72
C LYS A 175 16.35 7.55 -9.80
N ARG A 176 15.27 6.84 -10.12
CA ARG A 176 14.82 5.69 -9.33
C ARG A 176 15.82 4.54 -9.35
N LEU A 177 16.41 4.30 -10.51
CA LEU A 177 17.36 3.21 -10.63
C LEU A 177 18.53 3.50 -9.74
N ALA A 178 18.85 4.78 -9.56
CA ALA A 178 19.95 5.19 -8.69
C ALA A 178 19.57 4.86 -7.25
N ALA A 179 18.27 4.99 -6.96
CA ALA A 179 17.74 4.69 -5.64
C ALA A 179 17.89 3.20 -5.36
N TYR A 180 17.50 2.38 -6.34
CA TYR A 180 17.60 0.93 -6.21
C TYR A 180 19.02 0.53 -5.83
N HIS A 181 19.99 1.06 -6.57
CA HIS A 181 21.38 0.75 -6.30
C HIS A 181 21.77 1.07 -4.86
N ALA A 182 21.71 2.34 -4.47
CA ALA A 182 22.05 2.75 -3.11
C ALA A 182 21.32 1.89 -2.06
N GLN A 183 20.08 1.50 -2.37
CA GLN A 183 19.26 0.66 -1.49
C GLN A 183 19.71 -0.81 -1.50
N THR A 184 20.02 -1.31 -2.70
CA THR A 184 20.40 -2.71 -2.93
C THR A 184 21.84 -3.21 -2.74
N GLU A 185 22.84 -2.39 -3.08
CA GLU A 185 24.25 -2.74 -2.94
C GLU A 185 24.62 -3.42 -1.60
N PRO A 186 24.00 -3.00 -0.47
CA PRO A 186 24.29 -3.61 0.84
C PRO A 186 23.64 -4.96 1.05
N ILE A 187 22.50 -5.18 0.39
CA ILE A 187 21.77 -6.44 0.49
C ILE A 187 22.59 -7.51 -0.22
N VAL A 188 23.15 -7.16 -1.37
CA VAL A 188 23.99 -8.07 -2.14
C VAL A 188 25.26 -8.36 -1.32
N ASP A 189 25.86 -7.29 -0.80
CA ASP A 189 27.06 -7.44 0.00
C ASP A 189 26.74 -8.27 1.23
N PHE A 190 25.55 -8.12 1.78
CA PHE A 190 25.16 -8.91 2.93
C PHE A 190 25.07 -10.41 2.53
N TYR A 191 24.64 -10.68 1.30
CA TYR A 191 24.52 -12.07 0.82
C TYR A 191 25.79 -12.74 0.35
N LYS A 192 26.75 -11.97 -0.14
CA LYS A 192 27.98 -12.59 -0.52
C LYS A 192 28.55 -13.03 0.81
N LYS A 193 28.39 -12.19 1.82
CA LYS A 193 28.85 -12.47 3.20
C LYS A 193 28.33 -13.82 3.67
N THR A 194 27.02 -13.98 3.63
CA THR A 194 26.39 -15.21 4.05
C THR A 194 26.80 -16.40 3.13
N GLY A 195 27.47 -16.06 2.03
CA GLY A 195 27.92 -17.07 1.09
C GLY A 195 26.84 -17.69 0.22
N ILE A 196 25.73 -16.99 -0.01
CA ILE A 196 24.68 -17.55 -0.87
C ILE A 196 24.27 -16.71 -2.09
N TRP A 197 25.07 -15.69 -2.42
CA TRP A 197 24.76 -14.83 -3.58
C TRP A 197 25.27 -15.42 -4.90
N ALA A 198 24.58 -15.12 -6.00
CA ALA A 198 24.97 -15.54 -7.35
C ALA A 198 24.43 -14.49 -8.28
N GLY A 199 25.30 -13.84 -9.02
CA GLY A 199 24.89 -12.81 -9.97
C GLY A 199 24.60 -13.42 -11.33
N VAL A 200 23.73 -12.80 -12.11
CA VAL A 200 23.34 -13.32 -13.40
C VAL A 200 23.22 -12.15 -14.35
N ASP A 201 23.85 -12.23 -15.52
CA ASP A 201 23.72 -11.18 -16.52
C ASP A 201 22.31 -11.34 -17.12
N ALA A 202 21.39 -10.45 -16.75
CA ALA A 202 20.01 -10.51 -17.26
C ALA A 202 19.81 -9.68 -18.52
N SER A 203 20.91 -9.32 -19.17
CA SER A 203 20.83 -8.54 -20.38
C SER A 203 20.63 -9.42 -21.61
N GLN A 204 20.95 -10.70 -21.46
CA GLN A 204 20.83 -11.66 -22.56
C GLN A 204 19.36 -12.01 -22.81
N PRO A 205 19.06 -12.69 -23.94
CA PRO A 205 17.66 -13.04 -24.19
C PRO A 205 17.10 -13.85 -23.04
N PRO A 206 15.78 -13.91 -22.91
CA PRO A 206 15.17 -14.66 -21.81
C PRO A 206 15.65 -16.08 -21.56
N ALA A 207 15.53 -16.95 -22.55
CA ALA A 207 15.96 -18.34 -22.37
C ALA A 207 17.43 -18.47 -22.03
N THR A 208 18.26 -17.58 -22.54
CA THR A 208 19.69 -17.63 -22.26
C THR A 208 19.92 -17.25 -20.76
N VAL A 209 19.09 -16.36 -20.22
CA VAL A 209 19.19 -15.94 -18.81
C VAL A 209 18.72 -17.09 -17.91
N TRP A 210 17.66 -17.78 -18.30
CA TRP A 210 17.17 -18.89 -17.51
C TRP A 210 18.23 -19.98 -17.36
N ALA A 211 18.92 -20.29 -18.45
CA ALA A 211 19.95 -21.34 -18.40
C ALA A 211 21.06 -20.91 -17.46
N ASP A 212 21.31 -19.61 -17.40
CA ASP A 212 22.34 -19.06 -16.53
C ASP A 212 21.85 -19.22 -15.11
N ILE A 213 20.59 -18.87 -14.87
CA ILE A 213 20.02 -19.01 -13.54
C ILE A 213 20.09 -20.48 -13.09
N LEU A 214 19.45 -21.38 -13.85
CA LEU A 214 19.41 -22.81 -13.54
C LEU A 214 20.78 -23.44 -13.24
N ASN A 215 21.79 -22.92 -13.91
CA ASN A 215 23.14 -23.42 -13.71
C ASN A 215 23.65 -22.86 -12.39
N LYS A 216 23.44 -21.56 -12.16
CA LYS A 216 23.86 -20.88 -10.93
C LYS A 216 23.26 -21.53 -9.68
N LEU A 217 21.97 -21.88 -9.75
CA LEU A 217 21.26 -22.51 -8.65
C LEU A 217 21.93 -23.79 -8.24
N GLY A 218 22.66 -24.40 -9.17
CA GLY A 218 23.34 -25.65 -8.88
C GLY A 218 22.46 -26.75 -8.28
N LYS A 219 21.25 -26.96 -8.81
CA LYS A 219 20.36 -28.04 -8.32
C LYS A 219 20.11 -29.02 -9.45
N ASN A 220 20.50 -28.64 -10.65
CA ASN A 220 20.28 -29.46 -11.84
C ASN A 220 21.53 -30.24 -12.24
N SER B 1 -28.97 22.49 -2.55
CA SER B 1 -27.84 21.83 -1.85
C SER B 1 -28.34 20.80 -0.85
N SER B 2 -28.51 21.24 0.41
CA SER B 2 -28.99 20.42 1.53
C SER B 2 -29.37 18.95 1.27
N GLU B 3 -28.46 18.08 1.69
CA GLU B 3 -28.50 16.63 1.54
C GLU B 3 -27.40 16.27 0.57
N SER B 4 -26.37 17.12 0.57
CA SER B 4 -25.19 16.99 -0.26
C SER B 4 -24.06 17.62 0.57
N ILE B 5 -22.88 17.02 0.59
CA ILE B 5 -21.75 17.58 1.32
C ILE B 5 -20.49 17.19 0.61
N ARG B 6 -19.61 18.16 0.40
CA ARG B 6 -18.32 17.94 -0.22
C ARG B 6 -17.40 18.45 0.82
N MET B 7 -16.71 17.57 1.54
CA MET B 7 -15.85 18.02 2.62
C MET B 7 -14.63 17.19 2.88
N VAL B 8 -13.76 17.75 3.71
CA VAL B 8 -12.52 17.11 4.11
C VAL B 8 -12.51 17.08 5.63
N LEU B 9 -12.35 15.89 6.19
CA LEU B 9 -12.29 15.65 7.63
C LEU B 9 -10.85 15.34 8.04
N ILE B 10 -10.27 16.19 8.89
CA ILE B 10 -8.90 15.97 9.36
C ILE B 10 -8.85 15.90 10.87
N GLY B 11 -7.86 15.19 11.38
CA GLY B 11 -7.68 15.01 12.79
C GLY B 11 -6.56 14.01 13.03
N PRO B 12 -5.93 14.03 14.22
CA PRO B 12 -4.83 13.13 14.58
C PRO B 12 -5.33 11.75 14.98
N PRO B 13 -4.44 10.75 14.91
CA PRO B 13 -4.86 9.41 15.29
C PRO B 13 -5.40 9.43 16.73
N GLY B 14 -6.63 8.98 16.89
CA GLY B 14 -7.23 8.97 18.20
C GLY B 14 -8.34 9.98 18.37
N ALA B 15 -8.50 10.86 17.40
CA ALA B 15 -9.52 11.90 17.44
C ALA B 15 -10.95 11.44 17.11
N GLY B 16 -11.08 10.29 16.46
CA GLY B 16 -12.39 9.78 16.13
C GLY B 16 -12.87 9.94 14.71
N LYS B 17 -11.96 10.06 13.74
CA LYS B 17 -12.40 10.20 12.33
C LYS B 17 -13.20 8.99 11.89
N GLY B 18 -12.75 7.83 12.38
CA GLY B 18 -13.39 6.58 12.06
C GLY B 18 -14.72 6.47 12.75
N THR B 19 -14.93 7.30 13.75
CA THR B 19 -16.20 7.25 14.44
C THR B 19 -17.19 8.24 13.86
N GLN B 20 -16.69 9.36 13.33
CA GLN B 20 -17.59 10.37 12.77
C GLN B 20 -17.94 10.18 11.30
N ALA B 21 -16.94 9.87 10.49
CA ALA B 21 -17.10 9.66 9.04
C ALA B 21 -18.35 8.84 8.71
N PRO B 22 -18.57 7.71 9.41
CA PRO B 22 -19.75 6.89 9.16
C PRO B 22 -21.09 7.54 9.51
N ASN B 23 -21.09 8.45 10.48
CA ASN B 23 -22.31 9.17 10.86
C ASN B 23 -22.63 10.11 9.74
N LEU B 24 -21.61 10.85 9.32
CA LEU B 24 -21.73 11.80 8.23
C LEU B 24 -22.25 11.06 7.01
N GLN B 25 -21.59 9.94 6.71
CA GLN B 25 -21.90 9.07 5.57
C GLN B 25 -23.39 8.76 5.43
N GLU B 26 -23.98 8.22 6.48
CA GLU B 26 -25.40 7.89 6.46
C GLU B 26 -26.31 9.12 6.32
N ARG B 27 -25.97 10.21 7.00
CA ARG B 27 -26.80 11.42 6.94
C ARG B 27 -26.98 11.95 5.53
N PHE B 28 -25.87 12.33 4.93
CA PHE B 28 -25.86 12.88 3.58
C PHE B 28 -25.82 11.82 2.50
N HIS B 29 -25.74 10.55 2.89
CA HIS B 29 -25.66 9.46 1.92
C HIS B 29 -24.50 9.70 0.94
N ALA B 30 -23.55 10.50 1.40
CA ALA B 30 -22.37 10.85 0.63
C ALA B 30 -21.41 9.68 0.62
N ALA B 31 -20.40 9.75 -0.23
CA ALA B 31 -19.39 8.72 -0.31
C ALA B 31 -18.27 9.00 0.68
N HIS B 32 -17.89 7.98 1.42
CA HIS B 32 -16.80 8.10 2.39
C HIS B 32 -15.59 7.65 1.59
N LEU B 33 -14.72 8.57 1.23
CA LEU B 33 -13.52 8.28 0.43
C LEU B 33 -12.23 8.26 1.22
N ALA B 34 -11.69 7.07 1.44
CA ALA B 34 -10.42 6.98 2.14
C ALA B 34 -9.38 6.76 1.06
N THR B 35 -8.25 7.47 1.14
CA THR B 35 -7.20 7.34 0.13
C THR B 35 -6.56 5.94 -0.03
N GLY B 36 -6.19 5.32 1.09
CA GLY B 36 -5.60 3.99 1.02
C GLY B 36 -6.59 2.97 0.48
N ASP B 37 -7.84 3.08 0.91
CA ASP B 37 -8.89 2.18 0.47
C ASP B 37 -9.16 2.34 -1.00
N MET B 38 -8.95 3.55 -1.53
CA MET B 38 -9.15 3.78 -2.96
C MET B 38 -7.96 3.17 -3.72
N LEU B 39 -6.75 3.34 -3.17
CA LEU B 39 -5.52 2.79 -3.76
C LEU B 39 -5.63 1.29 -3.98
N ARG B 40 -6.00 0.58 -2.91
CA ARG B 40 -6.16 -0.88 -2.92
C ARG B 40 -7.25 -1.34 -3.89
N SER B 41 -8.41 -0.70 -3.82
CA SER B 41 -9.51 -1.06 -4.71
C SER B 41 -9.12 -0.98 -6.17
N GLN B 42 -8.31 0.03 -6.50
CA GLN B 42 -7.84 0.27 -7.86
C GLN B 42 -6.78 -0.71 -8.34
N ILE B 43 -5.96 -1.20 -7.41
CA ILE B 43 -4.92 -2.14 -7.77
C ILE B 43 -5.62 -3.44 -8.09
N ALA B 44 -6.72 -3.68 -7.39
CA ALA B 44 -7.51 -4.88 -7.58
C ALA B 44 -8.12 -4.89 -8.97
N LYS B 45 -8.64 -3.76 -9.41
CA LYS B 45 -9.29 -3.66 -10.72
C LYS B 45 -8.42 -3.80 -11.97
N GLY B 46 -7.11 -3.78 -11.81
CA GLY B 46 -6.24 -3.88 -12.98
C GLY B 46 -6.34 -2.66 -13.87
N THR B 47 -6.46 -1.50 -13.25
CA THR B 47 -6.57 -0.23 -13.94
C THR B 47 -5.17 0.31 -14.18
N GLN B 48 -5.05 1.15 -15.19
CA GLN B 48 -3.77 1.77 -15.51
C GLN B 48 -3.18 2.52 -14.30
N LEU B 49 -4.03 3.27 -13.59
CA LEU B 49 -3.60 4.02 -12.41
C LEU B 49 -3.26 3.04 -11.30
N GLY B 50 -4.11 2.03 -11.15
CA GLY B 50 -3.87 1.03 -10.12
C GLY B 50 -2.55 0.32 -10.32
N LEU B 51 -2.29 -0.11 -11.57
CA LEU B 51 -1.05 -0.82 -11.89
C LEU B 51 0.15 0.09 -11.76
N GLU B 52 -0.01 1.33 -12.22
CA GLU B 52 1.06 2.32 -12.11
C GLU B 52 1.35 2.59 -10.63
N ALA B 53 0.30 2.65 -9.82
CA ALA B 53 0.45 2.87 -8.39
C ALA B 53 1.12 1.64 -7.78
N LYS B 54 0.60 0.47 -8.09
CA LYS B 54 1.11 -0.81 -7.59
C LYS B 54 2.62 -0.94 -7.75
N LYS B 55 3.12 -0.76 -8.96
CA LYS B 55 4.56 -0.87 -9.27
C LYS B 55 5.42 0.16 -8.55
N ILE B 56 4.94 1.39 -8.41
CA ILE B 56 5.71 2.43 -7.75
C ILE B 56 5.56 2.32 -6.24
N MET B 57 4.52 1.64 -5.81
CA MET B 57 4.28 1.47 -4.38
C MET B 57 4.95 0.21 -3.85
N ASP B 58 4.62 -0.96 -4.40
CA ASP B 58 5.24 -2.18 -3.92
C ASP B 58 6.71 -2.35 -4.38
N GLN B 59 7.43 -1.23 -4.43
CA GLN B 59 8.82 -1.16 -4.84
C GLN B 59 9.53 -0.22 -3.85
N GLY B 60 8.88 0.01 -2.69
CA GLY B 60 9.43 0.87 -1.66
C GLY B 60 9.24 2.37 -1.83
N GLY B 61 8.40 2.77 -2.78
CA GLY B 61 8.15 4.18 -3.01
C GLY B 61 6.72 4.62 -2.73
N LEU B 62 6.45 5.91 -2.95
CA LEU B 62 5.12 6.48 -2.73
C LEU B 62 4.48 6.82 -4.07
N VAL B 63 3.15 6.84 -4.11
CA VAL B 63 2.46 7.15 -5.35
C VAL B 63 2.42 8.67 -5.53
N SER B 64 2.52 9.12 -6.78
CA SER B 64 2.53 10.54 -7.10
C SER B 64 1.27 11.32 -6.71
N ASP B 65 1.47 12.61 -6.42
CA ASP B 65 0.37 13.50 -6.04
C ASP B 65 -0.75 13.42 -7.06
N ASP B 66 -0.41 13.50 -8.34
CA ASP B 66 -1.39 13.43 -9.42
C ASP B 66 -2.04 12.08 -9.65
N ILE B 67 -1.37 10.99 -9.31
CA ILE B 67 -1.95 9.67 -9.45
C ILE B 67 -3.09 9.61 -8.42
N MET B 68 -2.83 10.17 -7.23
CA MET B 68 -3.82 10.23 -6.15
C MET B 68 -5.02 11.06 -6.60
N VAL B 69 -4.72 12.26 -7.07
CA VAL B 69 -5.71 13.22 -7.55
C VAL B 69 -6.44 12.69 -8.81
N ASN B 70 -5.77 11.86 -9.61
CA ASN B 70 -6.45 11.30 -10.78
C ASN B 70 -7.41 10.18 -10.36
N MET B 71 -7.04 9.49 -9.28
CA MET B 71 -7.89 8.44 -8.74
C MET B 71 -9.09 9.08 -8.05
N ILE B 72 -8.86 10.15 -7.29
CA ILE B 72 -9.98 10.80 -6.62
C ILE B 72 -10.94 11.15 -7.71
N LYS B 73 -10.40 11.73 -8.79
CA LYS B 73 -11.18 12.15 -9.98
C LYS B 73 -11.96 11.03 -10.61
N ASP B 74 -11.31 9.87 -10.72
CA ASP B 74 -11.94 8.68 -11.27
C ASP B 74 -13.15 8.36 -10.41
N GLU B 75 -12.98 8.44 -9.09
CA GLU B 75 -14.04 8.16 -8.15
C GLU B 75 -15.20 9.11 -8.29
N LEU B 76 -14.93 10.41 -8.30
CA LEU B 76 -16.03 11.36 -8.41
C LEU B 76 -16.79 11.05 -9.70
N THR B 77 -16.05 10.86 -10.79
CA THR B 77 -16.65 10.57 -12.09
C THR B 77 -17.39 9.24 -12.27
N ASN B 78 -17.04 8.21 -11.49
CA ASN B 78 -17.69 6.91 -11.62
C ASN B 78 -18.37 6.31 -10.41
N ASN B 79 -17.88 6.63 -9.22
CA ASN B 79 -18.49 6.07 -8.02
C ASN B 79 -19.93 6.49 -7.96
N PRO B 80 -20.83 5.52 -7.72
CA PRO B 80 -22.26 5.81 -7.63
C PRO B 80 -22.59 6.77 -6.46
N ALA B 81 -21.96 6.54 -5.31
CA ALA B 81 -22.21 7.36 -4.13
C ALA B 81 -21.64 8.78 -4.19
N CYS B 82 -20.75 9.03 -5.16
CA CYS B 82 -20.10 10.33 -5.35
C CYS B 82 -20.97 11.41 -5.98
N LYS B 83 -22.26 11.08 -6.18
CA LYS B 83 -23.24 12.01 -6.75
C LYS B 83 -24.01 12.85 -5.71
N ASN B 84 -23.83 12.53 -4.42
CA ASN B 84 -24.45 13.28 -3.32
C ASN B 84 -23.30 13.82 -2.46
N GLY B 85 -22.20 14.20 -3.12
CA GLY B 85 -21.04 14.71 -2.41
C GLY B 85 -20.21 13.58 -1.85
N PHE B 86 -19.16 13.90 -1.10
CA PHE B 86 -18.26 12.91 -0.51
C PHE B 86 -17.68 13.41 0.78
N ILE B 87 -16.97 12.51 1.44
CA ILE B 87 -16.31 12.78 2.69
C ILE B 87 -14.91 12.24 2.50
N LEU B 88 -13.99 13.16 2.20
CA LEU B 88 -12.60 12.84 1.96
C LEU B 88 -11.85 12.74 3.29
N VAL B 89 -11.27 11.58 3.55
CA VAL B 89 -10.52 11.33 4.78
C VAL B 89 -9.06 11.01 4.50
N GLY B 90 -8.16 11.66 5.23
CA GLY B 90 -6.73 11.42 5.05
C GLY B 90 -6.12 11.99 3.78
N PHE B 91 -6.70 13.06 3.27
CA PHE B 91 -6.16 13.67 2.08
C PHE B 91 -6.77 15.06 1.99
N PRO B 92 -5.96 16.08 1.64
CA PRO B 92 -4.52 16.07 1.35
C PRO B 92 -3.60 15.95 2.55
N ARG B 93 -2.31 15.87 2.27
CA ARG B 93 -1.27 15.74 3.31
C ARG B 93 -0.03 16.60 3.03
N THR B 94 -0.06 17.33 1.91
CA THR B 94 1.01 18.27 1.53
C THR B 94 0.26 19.45 0.89
N ILE B 95 0.91 20.60 0.79
CA ILE B 95 0.30 21.78 0.17
C ILE B 95 -0.05 21.53 -1.30
N PRO B 96 0.95 21.13 -2.12
CA PRO B 96 0.70 20.87 -3.55
C PRO B 96 -0.44 19.91 -3.81
N GLN B 97 -0.66 18.96 -2.89
CA GLN B 97 -1.77 18.02 -3.02
C GLN B 97 -3.10 18.74 -2.76
N ALA B 98 -3.14 19.62 -1.76
CA ALA B 98 -4.34 20.41 -1.44
C ALA B 98 -4.57 21.32 -2.63
N GLU B 99 -3.47 21.80 -3.17
CA GLU B 99 -3.46 22.71 -4.31
C GLU B 99 -4.05 22.13 -5.57
N LYS B 100 -3.52 20.97 -5.99
CA LYS B 100 -3.98 20.29 -7.20
C LYS B 100 -5.39 19.72 -7.08
N LEU B 101 -5.80 19.42 -5.84
CA LEU B 101 -7.12 18.88 -5.53
C LEU B 101 -8.12 19.99 -5.77
N ASP B 102 -7.82 21.18 -5.26
CA ASP B 102 -8.69 22.33 -5.45
C ASP B 102 -8.77 22.71 -6.92
N GLN B 103 -7.62 22.69 -7.58
CA GLN B 103 -7.56 23.01 -8.99
C GLN B 103 -8.34 22.00 -9.84
N MET B 104 -8.45 20.75 -9.38
CA MET B 104 -9.20 19.77 -10.15
C MET B 104 -10.67 19.70 -9.77
N LEU B 105 -10.99 19.95 -8.52
CA LEU B 105 -12.40 19.94 -8.10
C LEU B 105 -12.99 21.15 -8.80
N LYS B 106 -12.14 22.17 -8.94
CA LYS B 106 -12.49 23.41 -9.62
C LYS B 106 -12.99 23.04 -11.01
N GLU B 107 -12.15 22.31 -11.74
CA GLU B 107 -12.46 21.84 -13.11
C GLU B 107 -13.82 21.19 -13.14
N GLN B 108 -13.96 20.21 -12.27
CA GLN B 108 -15.15 19.41 -12.11
C GLN B 108 -16.32 20.28 -11.69
N GLY B 109 -16.02 21.46 -11.17
CA GLY B 109 -17.08 22.36 -10.73
C GLY B 109 -17.77 21.87 -9.47
N THR B 110 -17.04 21.18 -8.60
CA THR B 110 -17.57 20.64 -7.35
C THR B 110 -16.60 20.90 -6.19
N PRO B 111 -16.45 22.17 -5.78
CA PRO B 111 -15.54 22.57 -4.69
C PRO B 111 -15.84 22.05 -3.28
N LEU B 112 -14.80 21.94 -2.49
CA LEU B 112 -14.95 21.53 -1.11
C LEU B 112 -15.78 22.62 -0.44
N GLU B 113 -16.64 22.22 0.49
CA GLU B 113 -17.49 23.14 1.20
C GLU B 113 -16.97 23.35 2.60
N LYS B 114 -16.33 22.33 3.17
CA LYS B 114 -15.84 22.45 4.52
C LYS B 114 -14.62 21.62 4.73
N ALA B 115 -13.79 22.02 5.67
CA ALA B 115 -12.60 21.29 6.03
C ALA B 115 -12.73 21.18 7.55
N ILE B 116 -13.32 20.11 8.05
CA ILE B 116 -13.51 19.93 9.49
C ILE B 116 -12.28 19.36 10.21
N GLU B 117 -11.67 20.18 11.06
CA GLU B 117 -10.50 19.73 11.81
C GLU B 117 -10.86 19.37 13.26
N LEU B 118 -10.78 18.08 13.60
CA LEU B 118 -11.08 17.57 14.93
C LEU B 118 -9.92 17.87 15.87
N LYS B 119 -10.21 18.63 16.91
CA LYS B 119 -9.22 19.06 17.86
C LYS B 119 -9.30 18.36 19.18
N VAL B 120 -8.16 17.88 19.67
CA VAL B 120 -8.03 17.19 20.94
C VAL B 120 -6.57 17.18 21.40
N ASP B 121 -6.34 17.45 22.68
CA ASP B 121 -5.00 17.54 23.24
C ASP B 121 -4.27 16.20 23.26
N ASP B 122 -3.03 16.18 22.82
CA ASP B 122 -2.23 14.95 22.77
C ASP B 122 -2.31 14.05 24.00
N GLU B 123 -2.22 14.68 25.16
CA GLU B 123 -2.22 13.98 26.44
C GLU B 123 -3.45 13.12 26.63
N LEU B 124 -4.53 13.55 26.01
CA LEU B 124 -5.81 12.86 26.07
C LEU B 124 -5.79 11.71 25.07
N LEU B 125 -5.08 11.91 23.95
CA LEU B 125 -4.95 10.93 22.87
C LEU B 125 -4.12 9.72 23.19
N VAL B 126 -2.94 9.93 23.78
CA VAL B 126 -2.05 8.85 24.13
C VAL B 126 -2.57 8.07 25.31
N ALA B 127 -3.64 8.58 25.90
CA ALA B 127 -4.27 7.92 27.01
C ALA B 127 -5.47 7.17 26.44
N ARG B 128 -6.15 7.76 25.46
CA ARG B 128 -7.33 7.12 24.88
C ARG B 128 -7.04 6.04 23.85
N ILE B 129 -5.85 6.05 23.25
CA ILE B 129 -5.48 5.06 22.22
C ILE B 129 -5.23 3.67 22.82
N THR B 130 -4.94 3.66 24.11
CA THR B 130 -4.66 2.46 24.89
C THR B 130 -5.81 1.43 24.88
N GLY B 131 -7.06 1.89 24.81
CA GLY B 131 -8.19 0.99 24.86
C GLY B 131 -9.15 0.92 23.68
N ARG B 132 -8.63 1.03 22.46
CA ARG B 132 -9.46 0.95 21.25
C ARG B 132 -9.59 -0.52 20.78
N LEU B 133 -10.74 -0.86 20.20
CA LEU B 133 -11.00 -2.20 19.69
C LEU B 133 -11.56 -2.10 18.29
N ILE B 134 -10.99 -2.88 17.37
CA ILE B 134 -11.44 -2.89 15.98
C ILE B 134 -11.97 -4.23 15.55
N HIS B 135 -13.12 -4.22 14.90
CA HIS B 135 -13.67 -5.43 14.30
C HIS B 135 -12.70 -5.45 13.09
N PRO B 136 -11.84 -6.50 12.96
CA PRO B 136 -10.88 -6.55 11.84
C PRO B 136 -11.55 -6.56 10.50
N ALA B 137 -12.74 -7.14 10.44
CA ALA B 137 -13.49 -7.21 9.21
C ALA B 137 -13.90 -5.80 8.78
N SER B 138 -14.97 -5.28 9.39
CA SER B 138 -15.52 -3.97 9.07
C SER B 138 -14.64 -2.77 9.36
N GLY B 139 -13.68 -2.92 10.26
CA GLY B 139 -12.88 -1.77 10.63
C GLY B 139 -13.65 -0.90 11.63
N ARG B 140 -14.83 -1.36 12.06
CA ARG B 140 -15.65 -0.65 13.03
C ARG B 140 -14.88 -0.65 14.31
N SER B 141 -14.64 0.53 14.85
CA SER B 141 -13.87 0.67 16.05
C SER B 141 -14.77 1.01 17.20
N TYR B 142 -14.35 0.58 18.38
CA TYR B 142 -15.05 0.82 19.62
C TYR B 142 -13.98 1.25 20.62
N HIS B 143 -14.40 1.74 21.76
CA HIS B 143 -13.45 2.08 22.81
C HIS B 143 -13.98 1.44 24.06
N LYS B 144 -13.10 0.77 24.79
CA LYS B 144 -13.54 0.06 26.00
C LYS B 144 -14.21 0.89 27.12
N ILE B 145 -13.88 2.18 27.18
CA ILE B 145 -14.46 3.07 28.19
C ILE B 145 -15.48 4.03 27.57
N PHE B 146 -15.04 4.78 26.57
CA PHE B 146 -15.84 5.82 25.93
C PHE B 146 -16.94 5.49 24.93
N ASN B 147 -16.88 4.32 24.34
CA ASN B 147 -17.85 3.90 23.32
C ASN B 147 -17.64 2.40 23.32
N PRO B 148 -18.03 1.74 24.43
CA PRO B 148 -17.88 0.30 24.59
C PRO B 148 -18.82 -0.58 23.81
N PRO B 149 -18.34 -1.78 23.45
CA PRO B 149 -19.21 -2.69 22.72
C PRO B 149 -20.30 -3.15 23.71
N LYS B 150 -21.48 -3.51 23.20
CA LYS B 150 -22.55 -3.97 24.05
C LYS B 150 -22.18 -5.30 24.75
N GLU B 151 -21.36 -6.12 24.10
CA GLU B 151 -20.94 -7.39 24.69
C GLU B 151 -19.43 -7.47 24.74
N ASP B 152 -18.92 -7.90 25.88
CA ASP B 152 -17.50 -8.05 26.13
C ASP B 152 -16.77 -8.56 24.87
N MET B 153 -15.87 -7.73 24.36
CA MET B 153 -15.04 -8.01 23.20
C MET B 153 -15.69 -8.51 21.90
N LYS B 154 -16.97 -8.15 21.70
CA LYS B 154 -17.75 -8.53 20.51
C LYS B 154 -18.30 -7.36 19.69
N ASP B 155 -18.16 -7.49 18.37
CA ASP B 155 -18.65 -6.51 17.41
C ASP B 155 -20.19 -6.44 17.54
N ASP B 156 -20.72 -5.23 17.57
CA ASP B 156 -22.15 -5.00 17.71
C ASP B 156 -22.99 -5.63 16.62
N VAL B 157 -22.53 -5.60 15.36
CA VAL B 157 -23.34 -6.16 14.26
C VAL B 157 -23.11 -7.65 13.86
N THR B 158 -21.88 -8.13 13.96
CA THR B 158 -21.59 -9.51 13.59
C THR B 158 -21.42 -10.51 14.75
N GLY B 159 -21.25 -10.02 15.97
CA GLY B 159 -21.03 -10.94 17.08
C GLY B 159 -19.61 -11.48 17.02
N GLU B 160 -18.78 -10.95 16.11
CA GLU B 160 -17.40 -11.41 16.00
C GLU B 160 -16.48 -10.67 16.97
N ALA B 161 -15.38 -11.31 17.30
CA ALA B 161 -14.39 -10.76 18.21
C ALA B 161 -13.71 -9.47 17.76
N LEU B 162 -13.49 -8.56 18.71
CA LEU B 162 -12.81 -7.31 18.42
C LEU B 162 -11.38 -7.52 18.86
N VAL B 163 -10.44 -6.75 18.30
CA VAL B 163 -9.02 -6.89 18.64
C VAL B 163 -8.33 -5.57 18.87
N GLN B 164 -7.26 -5.59 19.66
CA GLN B 164 -6.49 -4.38 19.88
C GLN B 164 -5.20 -4.56 19.08
N ILE B 165 -4.65 -3.45 18.64
CA ILE B 165 -3.45 -3.42 17.81
C ILE B 165 -2.17 -3.29 18.62
N SER B 166 -1.08 -3.89 18.14
CA SER B 166 0.21 -3.79 18.84
C SER B 166 0.75 -2.37 18.76
N ASP B 167 0.40 -1.65 17.68
CA ASP B 167 0.84 -0.28 17.52
C ASP B 167 -0.05 0.68 18.34
N ASP B 168 -1.10 0.14 18.98
CA ASP B 168 -2.01 0.94 19.82
C ASP B 168 -1.33 1.18 21.17
N ASN B 169 -0.19 1.87 21.14
CA ASN B 169 0.59 2.15 22.35
C ASN B 169 1.06 3.61 22.51
N ALA B 170 1.40 3.98 23.74
CA ALA B 170 1.87 5.32 24.08
C ALA B 170 3.14 5.82 23.39
N ASP B 171 4.16 4.97 23.27
CA ASP B 171 5.43 5.33 22.63
C ASP B 171 5.27 5.54 21.13
N ALA B 172 4.63 4.55 20.51
CA ALA B 172 4.39 4.54 19.07
C ALA B 172 3.48 5.68 18.68
N LEU B 173 2.50 5.99 19.55
CA LEU B 173 1.56 7.07 19.27
C LEU B 173 2.26 8.45 19.31
N LYS B 174 3.09 8.68 20.32
CA LYS B 174 3.83 9.93 20.48
C LYS B 174 4.59 10.32 19.20
N LYS B 175 5.16 9.34 18.52
CA LYS B 175 5.90 9.56 17.27
C LYS B 175 4.95 9.97 16.15
N ARG B 176 3.78 9.35 16.14
CA ARG B 176 2.82 9.65 15.11
C ARG B 176 2.08 10.98 15.30
N LEU B 177 1.88 11.42 16.55
CA LEU B 177 1.21 12.70 16.84
C LEU B 177 2.15 13.82 16.47
N ALA B 178 3.41 13.67 16.81
CA ALA B 178 4.44 14.64 16.47
C ALA B 178 4.51 14.86 14.93
N ALA B 179 4.62 13.76 14.20
CA ALA B 179 4.67 13.80 12.75
C ALA B 179 3.40 14.48 12.19
N TYR B 180 2.26 14.17 12.80
CA TYR B 180 0.96 14.72 12.41
C TYR B 180 0.87 16.22 12.51
N HIS B 181 1.31 16.80 13.61
CA HIS B 181 1.25 18.26 13.76
C HIS B 181 2.16 18.97 12.77
N ALA B 182 3.37 18.45 12.55
CA ALA B 182 4.33 19.05 11.63
C ALA B 182 3.88 19.09 10.17
N GLN B 183 3.12 18.10 9.73
CA GLN B 183 2.68 18.01 8.35
C GLN B 183 1.26 18.49 8.08
N THR B 184 0.45 18.64 9.12
CA THR B 184 -0.92 19.08 8.92
C THR B 184 -1.13 20.57 9.12
N GLU B 185 -0.22 21.21 9.84
CA GLU B 185 -0.38 22.65 10.06
C GLU B 185 -0.52 23.49 8.81
N PRO B 186 0.28 23.20 7.76
CA PRO B 186 0.21 23.96 6.51
C PRO B 186 -1.11 23.73 5.77
N ILE B 187 -1.66 22.52 5.88
CA ILE B 187 -2.92 22.20 5.22
C ILE B 187 -4.07 22.88 5.96
N VAL B 188 -4.05 22.81 7.27
CA VAL B 188 -5.06 23.45 8.11
C VAL B 188 -5.08 24.91 7.67
N ASP B 189 -3.87 25.48 7.63
CA ASP B 189 -3.57 26.86 7.24
C ASP B 189 -4.06 27.17 5.84
N PHE B 190 -3.96 26.18 4.96
CA PHE B 190 -4.40 26.36 3.60
C PHE B 190 -5.91 26.50 3.60
N TYR B 191 -6.58 25.71 4.43
CA TYR B 191 -8.03 25.74 4.49
C TYR B 191 -8.62 26.95 5.20
N LYS B 192 -7.81 27.54 6.06
CA LYS B 192 -8.20 28.75 6.76
C LYS B 192 -8.19 29.91 5.76
N LYS B 193 -7.13 30.00 4.97
CA LYS B 193 -6.97 31.04 3.97
C LYS B 193 -8.03 31.06 2.86
N THR B 194 -8.70 29.95 2.65
CA THR B 194 -9.71 29.87 1.61
C THR B 194 -11.07 29.91 2.27
N GLY B 195 -11.05 30.07 3.58
CA GLY B 195 -12.28 30.16 4.33
C GLY B 195 -13.17 28.94 4.51
N ILE B 196 -12.65 27.71 4.41
CA ILE B 196 -13.55 26.57 4.59
C ILE B 196 -13.25 25.77 5.85
N TRP B 197 -12.29 26.21 6.62
CA TRP B 197 -11.89 25.55 7.85
C TRP B 197 -12.83 25.77 9.03
N ALA B 198 -12.96 24.74 9.87
CA ALA B 198 -13.81 24.80 11.06
C ALA B 198 -13.22 23.84 12.08
N GLY B 199 -13.06 24.32 13.31
CA GLY B 199 -12.52 23.51 14.39
C GLY B 199 -13.68 22.89 15.13
N VAL B 200 -13.46 21.71 15.69
CA VAL B 200 -14.49 21.00 16.42
C VAL B 200 -13.76 20.47 17.67
N ASP B 201 -14.45 20.37 18.80
CA ASP B 201 -13.82 19.87 20.00
C ASP B 201 -13.99 18.35 20.00
N ALA B 202 -12.92 17.61 19.71
CA ALA B 202 -12.96 16.14 19.69
C ALA B 202 -12.78 15.51 21.08
N SER B 203 -12.56 16.34 22.10
CA SER B 203 -12.40 15.88 23.48
C SER B 203 -13.76 15.49 24.11
N GLN B 204 -14.87 15.90 23.49
CA GLN B 204 -16.21 15.62 23.99
C GLN B 204 -16.66 14.20 23.62
N PRO B 205 -17.67 13.65 24.33
CA PRO B 205 -18.13 12.29 23.98
C PRO B 205 -18.63 12.29 22.52
N PRO B 206 -18.61 11.11 21.86
CA PRO B 206 -19.03 10.92 20.46
C PRO B 206 -20.27 11.68 19.98
N ALA B 207 -21.36 11.51 20.72
CA ALA B 207 -22.62 12.13 20.35
C ALA B 207 -22.60 13.65 20.43
N THR B 208 -21.71 14.18 21.27
CA THR B 208 -21.61 15.62 21.39
C THR B 208 -20.75 16.13 20.23
N VAL B 209 -19.72 15.37 19.87
CA VAL B 209 -18.83 15.74 18.75
C VAL B 209 -19.64 15.62 17.43
N TRP B 210 -20.53 14.64 17.35
CA TRP B 210 -21.36 14.47 16.19
C TRP B 210 -22.12 15.75 16.00
N ALA B 211 -22.92 16.10 16.99
CA ALA B 211 -23.73 17.32 16.96
C ALA B 211 -22.97 18.59 16.65
N ASP B 212 -21.78 18.73 17.23
CA ASP B 212 -20.92 19.91 17.00
C ASP B 212 -20.59 20.05 15.51
N ILE B 213 -20.30 18.92 14.86
CA ILE B 213 -19.94 18.88 13.43
C ILE B 213 -21.13 19.16 12.55
N LEU B 214 -22.22 18.47 12.82
CA LEU B 214 -23.42 18.62 12.04
C LEU B 214 -23.82 20.10 12.03
N ASN B 215 -23.47 20.80 13.10
CA ASN B 215 -23.75 22.21 13.23
C ASN B 215 -22.77 23.09 12.43
N LYS B 216 -21.48 22.81 12.52
CA LYS B 216 -20.49 23.57 11.76
C LYS B 216 -20.72 23.36 10.26
N LEU B 217 -21.39 22.27 9.88
CA LEU B 217 -21.63 21.97 8.48
C LEU B 217 -22.57 22.91 7.79
N GLY B 218 -23.51 23.45 8.55
CA GLY B 218 -24.45 24.41 7.99
C GLY B 218 -25.59 23.87 7.17
N LYS B 219 -25.65 22.56 6.98
CA LYS B 219 -26.77 22.01 6.23
C LYS B 219 -27.91 22.04 7.22
N ASN B 220 -29.09 21.64 6.78
CA ASN B 220 -30.31 21.64 7.57
C ASN B 220 -31.18 22.84 7.20
#